data_6BIL
#
_entry.id   6BIL
#
_cell.length_a   67.410
_cell.length_b   184.120
_cell.length_c   77.300
_cell.angle_alpha   90.000
_cell.angle_beta   90.000
_cell.angle_gamma   90.000
#
_symmetry.space_group_name_H-M   'C 2 2 21'
#
loop_
_entity.id
_entity.type
_entity.pdbx_description
1 polymer 'HLA class II histocompatibility antigen, DR alpha chain'
2 polymer 'HLA class II histocompatibility antigen, DRB1-4 beta chain'
3 polymer 'Fibrinogen beta 74cit69-81'
4 non-polymer 2-acetamido-2-deoxy-beta-D-glucopyranose
5 water water
#
loop_
_entity_poly.entity_id
_entity_poly.type
_entity_poly.pdbx_seq_one_letter_code
_entity_poly.pdbx_strand_id
1 'polypeptide(L)'
;IKEEHVIIQAEFYLNPDQSGEFMFDFDGDEIFHVDMAKKETVWRLEEFGRFASFEAQGALANIAVDKANLEIMTKRSNYT
PITNVPPEVTVLTNSPVELREPNVLICFIDKFTPPVVNVTWLRNGKPVTTGVSETVFLPREDHLFRKFHYLPFLPSTEDV
YDCRVEHWGLDEPLLKHWEFDTSGDDDDK
;
A
2 'polypeptide(L)'
;GSGDTRPRFLEQVKHECHFFNGTERVRFLDRYFYHQEEYVRFDSDVGEYRAVTELGRPDAEYWNSQKDLLEQKRAAVDTY
CRHNYGVGESFTVQRRVYPEVTVYPAKTQPLQHHNLLVCSVNGFYPGSIEVRWFRNGQEEKTGVVSTGLIQNGDWTFQTL
VMLETVPRSGEVYTCQVEHPSLTSPLTVEWRATGGDDDDK
;
B
3 'polypeptide(L)' GGYRA(CIR)PAKAAAT C
#
loop_
_chem_comp.id
_chem_comp.type
_chem_comp.name
_chem_comp.formula
NAG D-saccharide, beta linking 2-acetamido-2-deoxy-beta-D-glucopyranose 'C8 H15 N O6'
#
# COMPACT_ATOMS: atom_id res chain seq x y z
N GLU A 4 0.04 -4.45 -16.77
CA GLU A 4 -1.30 -4.86 -16.36
C GLU A 4 -1.41 -5.09 -14.86
N HIS A 5 -0.61 -6.03 -14.35
CA HIS A 5 -0.67 -6.39 -12.95
C HIS A 5 0.72 -6.79 -12.45
N VAL A 6 0.95 -6.53 -11.17
CA VAL A 6 2.23 -6.84 -10.52
C VAL A 6 1.94 -7.49 -9.17
N ILE A 7 2.52 -8.67 -8.94
CA ILE A 7 2.44 -9.36 -7.67
C ILE A 7 3.83 -9.41 -7.07
N ILE A 8 3.96 -8.95 -5.82
CA ILE A 8 5.24 -8.87 -5.13
C ILE A 8 5.16 -9.66 -3.83
N GLN A 9 6.12 -10.54 -3.62
CA GLN A 9 6.34 -11.19 -2.33
C GLN A 9 7.46 -10.41 -1.65
N ALA A 10 7.10 -9.58 -0.67
CA ALA A 10 8.04 -8.68 -0.02
C ALA A 10 8.37 -9.20 1.37
N GLU A 11 9.66 -9.15 1.71
CA GLU A 11 10.16 -9.61 3.00
C GLU A 11 11.15 -8.60 3.54
N PHE A 12 11.27 -8.53 4.86
CA PHE A 12 12.35 -7.77 5.46
C PHE A 12 12.71 -8.36 6.83
N TYR A 13 13.92 -8.03 7.27
CA TYR A 13 14.39 -8.36 8.61
C TYR A 13 15.22 -7.19 9.12
N LEU A 14 15.03 -6.83 10.39
CA LEU A 14 15.58 -5.60 10.93
C LEU A 14 16.31 -5.88 12.25
N ASN A 15 17.59 -5.50 12.29
CA ASN A 15 18.37 -5.54 13.52
C ASN A 15 18.50 -4.13 14.10
N PRO A 16 18.66 -4.01 15.43
CA PRO A 16 18.70 -5.08 16.42
C PRO A 16 17.32 -5.48 16.94
N ASP A 17 16.27 -4.93 16.32
CA ASP A 17 14.92 -5.19 16.77
C ASP A 17 14.54 -6.67 16.59
N GLN A 18 15.20 -7.35 15.65
CA GLN A 18 14.89 -8.74 15.32
C GLN A 18 13.44 -8.89 14.87
N SER A 19 12.97 -7.92 14.08
CA SER A 19 11.63 -7.94 13.52
C SER A 19 11.71 -8.41 12.07
N GLY A 20 10.88 -9.39 11.73
CA GLY A 20 10.78 -9.90 10.38
C GLY A 20 9.36 -9.82 9.87
N GLU A 21 9.21 -9.74 8.55
CA GLU A 21 7.89 -9.62 7.96
C GLU A 21 7.87 -10.31 6.60
N PHE A 22 6.67 -10.75 6.21
CA PHE A 22 6.48 -11.51 4.98
C PHE A 22 5.05 -11.24 4.51
N MET A 23 4.89 -10.82 3.26
CA MET A 23 3.57 -10.49 2.76
C MET A 23 3.56 -10.56 1.25
N PHE A 24 2.35 -10.70 0.70
CA PHE A 24 2.11 -10.67 -0.74
C PHE A 24 1.36 -9.39 -1.09
N ASP A 25 1.78 -8.74 -2.18
CA ASP A 25 1.19 -7.50 -2.63
C ASP A 25 0.63 -7.70 -4.04
N PHE A 26 -0.56 -7.17 -4.28
CA PHE A 26 -1.18 -7.16 -5.60
C PHE A 26 -1.56 -5.72 -5.94
N ASP A 27 -0.86 -5.15 -6.92
CA ASP A 27 -1.14 -3.80 -7.41
C ASP A 27 -1.18 -2.77 -6.28
N GLY A 28 -0.32 -2.97 -5.29
CA GLY A 28 -0.25 -2.05 -4.16
C GLY A 28 -1.17 -2.37 -3.02
N ASP A 29 -1.95 -3.46 -3.09
CA ASP A 29 -2.79 -3.89 -2.00
C ASP A 29 -2.27 -5.20 -1.41
N GLU A 30 -2.42 -5.35 -0.10
CA GLU A 30 -1.95 -6.53 0.59
C GLU A 30 -2.94 -7.68 0.40
N ILE A 31 -2.43 -8.83 -0.03
CA ILE A 31 -3.25 -10.04 -0.08
C ILE A 31 -3.26 -10.75 1.26
N PHE A 32 -2.08 -10.98 1.84
CA PHE A 32 -1.97 -11.56 3.17
C PHE A 32 -0.58 -11.27 3.71
N HIS A 33 -0.43 -11.49 5.01
CA HIS A 33 0.88 -11.52 5.65
C HIS A 33 0.90 -12.70 6.61
N VAL A 34 2.09 -13.05 7.08
CA VAL A 34 2.26 -14.17 7.99
C VAL A 34 2.65 -13.61 9.35
N ASP A 35 1.80 -13.87 10.35
CA ASP A 35 2.13 -13.56 11.74
C ASP A 35 3.25 -14.49 12.18
N MET A 36 4.44 -13.92 12.43
CA MET A 36 5.58 -14.75 12.80
C MET A 36 5.39 -15.42 14.15
N ALA A 37 4.72 -14.75 15.08
CA ALA A 37 4.52 -15.32 16.41
C ALA A 37 3.57 -16.52 16.36
N LYS A 38 2.39 -16.33 15.77
CA LYS A 38 1.40 -17.40 15.68
C LYS A 38 1.69 -18.39 14.56
N LYS A 39 2.60 -18.06 13.65
CA LYS A 39 2.88 -18.88 12.46
C LYS A 39 1.60 -19.12 11.66
N GLU A 40 0.84 -18.05 11.46
CA GLU A 40 -0.44 -18.10 10.78
C GLU A 40 -0.45 -17.18 9.57
N THR A 41 -1.19 -17.60 8.55
CA THR A 41 -1.50 -16.72 7.42
C THR A 41 -2.67 -15.82 7.82
N VAL A 42 -2.47 -14.51 7.68
CA VAL A 42 -3.49 -13.52 8.02
C VAL A 42 -3.94 -12.85 6.74
N TRP A 43 -5.16 -13.16 6.31
CA TRP A 43 -5.71 -12.61 5.08
C TRP A 43 -6.19 -11.19 5.30
N ARG A 44 -5.83 -10.30 4.36
CA ARG A 44 -6.21 -8.89 4.49
C ARG A 44 -7.73 -8.73 4.46
N LEU A 45 -8.40 -9.52 3.64
CA LEU A 45 -9.86 -9.59 3.64
C LEU A 45 -10.26 -11.03 3.90
N GLU A 46 -11.26 -11.22 4.78
CA GLU A 46 -11.64 -12.57 5.20
C GLU A 46 -12.07 -13.43 4.02
N GLU A 47 -12.63 -12.81 2.97
CA GLU A 47 -13.05 -13.58 1.81
C GLU A 47 -11.89 -14.33 1.16
N PHE A 48 -10.69 -13.76 1.23
CA PHE A 48 -9.54 -14.34 0.54
C PHE A 48 -9.22 -15.74 1.07
N GLY A 49 -9.43 -15.97 2.36
CA GLY A 49 -9.10 -17.26 2.97
C GLY A 49 -10.02 -18.39 2.57
N ARG A 50 -11.10 -18.11 1.85
CA ARG A 50 -12.02 -19.15 1.42
C ARG A 50 -11.75 -19.64 -0.01
N PHE A 51 -10.98 -18.89 -0.80
CA PHE A 51 -10.65 -19.28 -2.16
C PHE A 51 -9.19 -19.67 -2.34
N ALA A 52 -8.32 -19.32 -1.41
CA ALA A 52 -6.89 -19.60 -1.54
C ALA A 52 -6.34 -19.99 -0.17
N SER A 53 -5.12 -20.52 -0.17
CA SER A 53 -4.44 -20.91 1.05
C SER A 53 -2.96 -20.64 0.92
N PHE A 54 -2.28 -20.62 2.07
CA PHE A 54 -0.83 -20.49 2.11
C PHE A 54 -0.32 -21.14 3.39
N GLU A 55 0.70 -21.98 3.27
CA GLU A 55 1.33 -22.62 4.43
C GLU A 55 2.41 -21.69 4.95
N ALA A 56 2.20 -21.16 6.16
CA ALA A 56 3.07 -20.12 6.70
C ALA A 56 4.48 -20.59 7.00
N GLN A 57 4.74 -21.90 6.98
CA GLN A 57 6.10 -22.38 7.24
C GLN A 57 7.07 -21.88 6.19
N GLY A 58 6.63 -21.76 4.93
CA GLY A 58 7.49 -21.23 3.90
C GLY A 58 7.95 -19.82 4.18
N ALA A 59 7.11 -19.02 4.84
CA ALA A 59 7.50 -17.67 5.20
C ALA A 59 8.56 -17.66 6.30
N LEU A 60 8.41 -18.54 7.30
CA LEU A 60 9.35 -18.56 8.41
C LEU A 60 10.75 -18.97 7.95
N ALA A 61 10.83 -19.88 6.97
CA ALA A 61 12.13 -20.30 6.45
C ALA A 61 12.81 -19.14 5.73
N ASN A 62 12.07 -18.37 4.95
CA ASN A 62 12.64 -17.22 4.26
C ASN A 62 13.14 -16.18 5.26
N ILE A 63 12.40 -15.96 6.35
CA ILE A 63 12.82 -15.00 7.35
C ILE A 63 14.13 -15.44 8.00
N ALA A 64 14.31 -16.75 8.16
CA ALA A 64 15.56 -17.26 8.73
C ALA A 64 16.74 -16.97 7.81
N VAL A 65 16.55 -17.12 6.50
CA VAL A 65 17.62 -16.83 5.56
C VAL A 65 17.91 -15.33 5.53
N ASP A 66 16.86 -14.51 5.53
CA ASP A 66 17.04 -13.06 5.53
C ASP A 66 17.80 -12.60 6.77
N LYS A 67 17.53 -13.22 7.91
CA LYS A 67 18.27 -12.91 9.13
C LYS A 67 19.75 -13.19 8.94
N ALA A 68 20.09 -14.36 8.39
CA ALA A 68 21.49 -14.70 8.16
C ALA A 68 22.11 -13.80 7.10
N ASN A 69 21.35 -13.47 6.04
CA ASN A 69 21.89 -12.60 5.00
C ASN A 69 22.16 -11.20 5.54
N LEU A 70 21.31 -10.71 6.44
CA LEU A 70 21.51 -9.37 7.00
C LEU A 70 22.82 -9.28 7.76
N GLU A 71 23.16 -10.31 8.53
CA GLU A 71 24.46 -10.32 9.21
C GLU A 71 25.60 -10.30 8.21
N ILE A 72 25.42 -11.00 7.08
CA ILE A 72 26.45 -11.03 6.05
C ILE A 72 26.57 -9.66 5.38
N MET A 73 25.44 -9.05 5.01
CA MET A 73 25.49 -7.75 4.34
C MET A 73 25.95 -6.64 5.28
N THR A 74 25.66 -6.77 6.57
CA THR A 74 26.14 -5.76 7.53
C THR A 74 27.66 -5.76 7.60
N LYS A 75 28.28 -6.95 7.53
CA LYS A 75 29.74 -7.03 7.49
C LYS A 75 30.29 -6.43 6.21
N ARG A 76 29.69 -6.77 5.07
CA ARG A 76 30.18 -6.26 3.79
C ARG A 76 30.16 -4.74 3.76
N SER A 77 29.07 -4.13 4.23
CA SER A 77 28.96 -2.68 4.26
C SER A 77 29.84 -2.03 5.31
N ASN A 78 30.65 -2.82 6.04
CA ASN A 78 31.46 -2.31 7.14
C ASN A 78 30.58 -1.66 8.20
N TYR A 79 29.43 -2.28 8.46
CA TYR A 79 28.49 -1.87 9.51
C TYR A 79 27.99 -0.44 9.27
N THR A 80 27.59 -0.16 8.03
CA THR A 80 26.96 1.10 7.68
C THR A 80 25.48 1.03 8.05
N PRO A 81 25.03 1.81 9.02
CA PRO A 81 23.63 1.72 9.46
C PRO A 81 22.70 2.44 8.49
N ILE A 82 21.41 2.21 8.71
CA ILE A 82 20.38 2.85 7.88
C ILE A 82 20.20 4.29 8.32
N THR A 83 19.82 5.14 7.38
CA THR A 83 19.48 6.53 7.67
C THR A 83 17.98 6.64 7.87
N ASN A 84 17.59 7.25 8.99
CA ASN A 84 16.17 7.42 9.28
C ASN A 84 15.54 8.35 8.26
N VAL A 85 14.40 7.93 7.71
CA VAL A 85 13.58 8.79 6.84
C VAL A 85 12.24 9.00 7.53
N PRO A 86 11.96 10.21 8.02
CA PRO A 86 10.72 10.42 8.77
C PRO A 86 9.52 10.33 7.85
N PRO A 87 8.35 9.99 8.39
CA PRO A 87 7.17 9.76 7.56
C PRO A 87 6.34 11.02 7.32
N GLU A 88 5.50 10.93 6.29
CA GLU A 88 4.45 11.91 6.05
C GLU A 88 3.13 11.28 6.46
N VAL A 89 2.36 12.01 7.26
CA VAL A 89 1.15 11.47 7.89
C VAL A 89 -0.06 12.23 7.37
N THR A 90 -1.11 11.48 7.02
CA THR A 90 -2.37 12.04 6.56
C THR A 90 -3.52 11.40 7.33
N VAL A 91 -4.47 12.22 7.75
CA VAL A 91 -5.68 11.77 8.44
C VAL A 91 -6.87 12.06 7.54
N LEU A 92 -7.72 11.06 7.35
CA LEU A 92 -8.86 11.18 6.44
C LEU A 92 -9.95 10.20 6.87
N THR A 93 -11.15 10.45 6.37
CA THR A 93 -12.28 9.53 6.53
C THR A 93 -12.52 8.80 5.22
N ASN A 94 -13.00 7.57 5.33
CA ASN A 94 -13.23 6.73 4.15
C ASN A 94 -14.59 6.99 3.50
N SER A 95 -15.38 7.90 4.03
CA SER A 95 -16.67 8.26 3.45
C SER A 95 -17.03 9.66 3.91
N PRO A 96 -17.89 10.36 3.19
CA PRO A 96 -18.32 11.69 3.64
C PRO A 96 -18.92 11.63 5.03
N VAL A 97 -18.60 12.65 5.83
CA VAL A 97 -18.93 12.64 7.25
C VAL A 97 -20.34 13.17 7.46
N GLU A 98 -21.16 12.38 8.16
CA GLU A 98 -22.50 12.79 8.57
C GLU A 98 -22.62 12.64 10.08
N LEU A 99 -23.32 13.58 10.71
CA LEU A 99 -23.50 13.51 12.15
C LEU A 99 -24.27 12.24 12.52
N ARG A 100 -23.74 11.51 13.51
CA ARG A 100 -24.39 10.34 14.08
C ARG A 100 -24.39 9.17 13.10
N GLU A 101 -23.76 9.34 11.93
CA GLU A 101 -23.64 8.26 10.95
C GLU A 101 -22.27 7.62 11.07
N PRO A 102 -22.17 6.33 11.41
CA PRO A 102 -20.86 5.75 11.72
C PRO A 102 -19.89 5.86 10.55
N ASN A 103 -18.63 6.11 10.88
CA ASN A 103 -17.59 6.33 9.88
C ASN A 103 -16.28 5.74 10.41
N VAL A 104 -15.22 5.88 9.61
CA VAL A 104 -13.90 5.40 9.97
C VAL A 104 -12.88 6.50 9.72
N LEU A 105 -12.03 6.74 10.71
CA LEU A 105 -10.86 7.61 10.54
C LEU A 105 -9.66 6.77 10.10
N ILE A 106 -8.95 7.26 9.10
CA ILE A 106 -7.79 6.57 8.53
C ILE A 106 -6.56 7.43 8.75
N CYS A 107 -5.53 6.84 9.35
CA CYS A 107 -4.24 7.49 9.52
C CYS A 107 -3.26 6.82 8.55
N PHE A 108 -2.85 7.56 7.53
CA PHE A 108 -1.94 7.06 6.51
C PHE A 108 -0.53 7.56 6.80
N ILE A 109 0.37 6.63 7.12
CA ILE A 109 1.77 6.93 7.39
C ILE A 109 2.57 6.43 6.20
N ASP A 110 3.38 7.31 5.61
CA ASP A 110 3.93 7.05 4.28
C ASP A 110 5.38 7.51 4.20
N LYS A 111 6.13 6.82 3.34
CA LYS A 111 7.49 7.22 2.93
C LYS A 111 8.44 7.31 4.12
N PHE A 112 8.58 6.19 4.84
CA PHE A 112 9.47 6.18 5.99
C PHE A 112 10.26 4.88 6.05
N THR A 113 11.35 4.94 6.80
CA THR A 113 12.22 3.79 7.07
C THR A 113 13.12 4.18 8.25
N PRO A 114 13.49 3.22 9.10
CA PRO A 114 13.14 1.78 9.12
C PRO A 114 11.68 1.54 9.50
N PRO A 115 11.16 0.33 9.22
CA PRO A 115 9.76 0.03 9.55
C PRO A 115 9.50 -0.16 11.04
N VAL A 116 9.63 0.92 11.80
CA VAL A 116 9.31 0.95 13.22
C VAL A 116 8.61 2.26 13.52
N VAL A 117 7.45 2.19 14.15
CA VAL A 117 6.64 3.39 14.40
C VAL A 117 5.72 3.12 15.58
N ASN A 118 5.50 4.15 16.39
CA ASN A 118 4.54 4.13 17.48
C ASN A 118 3.39 5.07 17.12
N VAL A 119 2.20 4.50 16.94
CA VAL A 119 1.03 5.24 16.50
C VAL A 119 -0.02 5.23 17.60
N THR A 120 -0.64 6.38 17.84
CA THR A 120 -1.66 6.51 18.86
C THR A 120 -2.81 7.35 18.33
N TRP A 121 -4.04 6.86 18.52
CA TRP A 121 -5.22 7.67 18.29
C TRP A 121 -5.54 8.45 19.57
N LEU A 122 -5.98 9.70 19.39
CA LEU A 122 -6.35 10.56 20.50
C LEU A 122 -7.71 11.16 20.24
N ARG A 123 -8.63 11.01 21.19
CA ARG A 123 -9.91 11.70 21.17
C ARG A 123 -9.92 12.70 22.32
N ASN A 124 -10.00 13.99 21.98
CA ASN A 124 -9.96 15.07 22.97
C ASN A 124 -8.70 14.97 23.83
N GLY A 125 -7.59 14.61 23.20
CA GLY A 125 -6.31 14.55 23.88
C GLY A 125 -6.07 13.30 24.69
N LYS A 126 -6.96 12.31 24.63
CA LYS A 126 -6.78 11.09 25.40
C LYS A 126 -6.63 9.88 24.49
N PRO A 127 -5.79 8.92 24.84
CA PRO A 127 -5.57 7.76 23.97
C PRO A 127 -6.83 6.93 23.81
N VAL A 128 -7.03 6.42 22.59
CA VAL A 128 -8.19 5.59 22.25
C VAL A 128 -7.67 4.25 21.77
N THR A 129 -8.25 3.16 22.29
CA THR A 129 -7.89 1.81 21.89
C THR A 129 -9.07 0.97 21.42
N THR A 130 -10.31 1.38 21.72
CA THR A 130 -11.47 0.57 21.39
C THR A 130 -11.74 0.59 19.89
N GLY A 131 -11.70 -0.58 19.27
CA GLY A 131 -12.08 -0.73 17.88
C GLY A 131 -11.02 -0.39 16.86
N VAL A 132 -9.82 0.00 17.30
CA VAL A 132 -8.77 0.39 16.37
C VAL A 132 -8.18 -0.86 15.70
N SER A 133 -7.69 -0.68 14.48
CA SER A 133 -6.99 -1.74 13.77
C SER A 133 -5.85 -1.10 12.99
N GLU A 134 -5.03 -1.95 12.36
CA GLU A 134 -3.87 -1.46 11.65
C GLU A 134 -3.41 -2.52 10.66
N THR A 135 -2.59 -2.11 9.71
CA THR A 135 -1.95 -3.01 8.78
C THR A 135 -0.49 -3.21 9.17
N VAL A 136 0.14 -4.21 8.56
CA VAL A 136 1.58 -4.39 8.71
C VAL A 136 2.27 -3.31 7.88
N PHE A 137 3.59 -3.28 7.92
CA PHE A 137 4.33 -2.32 7.10
C PHE A 137 4.24 -2.73 5.65
N LEU A 138 3.80 -1.79 4.80
CA LEU A 138 3.57 -2.09 3.40
C LEU A 138 4.70 -1.55 2.53
N PRO A 139 5.11 -2.29 1.50
CA PRO A 139 6.28 -1.88 0.72
C PRO A 139 5.95 -0.81 -0.32
N ARG A 140 6.97 0.01 -0.60
CA ARG A 140 6.89 1.03 -1.63
C ARG A 140 7.90 0.72 -2.72
N GLU A 141 7.69 1.32 -3.90
CA GLU A 141 8.58 1.07 -5.02
C GLU A 141 9.93 1.75 -4.85
N ASP A 142 10.02 2.82 -4.07
CA ASP A 142 11.29 3.37 -3.66
C ASP A 142 11.85 2.67 -2.44
N HIS A 143 11.22 1.57 -2.01
CA HIS A 143 11.71 0.67 -0.97
C HIS A 143 11.70 1.31 0.41
N LEU A 144 10.91 2.37 0.58
CA LEU A 144 10.50 2.83 1.90
C LEU A 144 9.25 2.05 2.29
N PHE A 145 8.53 2.50 3.32
CA PHE A 145 7.38 1.78 3.82
C PHE A 145 6.20 2.73 4.01
N ARG A 146 5.02 2.14 4.14
CA ARG A 146 3.80 2.86 4.45
C ARG A 146 2.93 1.98 5.34
N LYS A 147 1.92 2.59 5.95
CA LYS A 147 1.15 1.89 6.98
C LYS A 147 -0.19 2.60 7.17
N PHE A 148 -1.20 1.83 7.52
CA PHE A 148 -2.54 2.34 7.78
C PHE A 148 -2.97 1.99 9.20
N HIS A 149 -3.62 2.95 9.85
CA HIS A 149 -4.28 2.73 11.14
C HIS A 149 -5.71 3.23 11.04
N TYR A 150 -6.64 2.50 11.64
CA TYR A 150 -8.06 2.78 11.50
C TYR A 150 -8.71 2.98 12.85
N LEU A 151 -9.70 3.89 12.89
CA LEU A 151 -10.47 4.16 14.09
C LEU A 151 -11.92 4.41 13.69
N PRO A 152 -12.80 3.43 13.87
CA PRO A 152 -14.23 3.69 13.68
C PRO A 152 -14.73 4.66 14.72
N PHE A 153 -15.65 5.53 14.32
CA PHE A 153 -16.10 6.58 15.24
C PHE A 153 -17.47 7.09 14.81
N LEU A 154 -18.19 7.64 15.78
CA LEU A 154 -19.43 8.33 15.53
C LEU A 154 -19.17 9.83 15.46
N PRO A 155 -19.37 10.47 14.30
CA PRO A 155 -19.06 11.89 14.18
C PRO A 155 -19.96 12.75 15.06
N SER A 156 -19.34 13.67 15.80
CA SER A 156 -20.08 14.60 16.64
C SER A 156 -19.25 15.87 16.79
N THR A 157 -19.94 17.00 16.91
CA THR A 157 -19.25 18.26 17.12
C THR A 157 -18.54 18.34 18.46
N GLU A 158 -18.77 17.37 19.35
CA GLU A 158 -18.17 17.41 20.68
C GLU A 158 -16.75 16.85 20.71
N ASP A 159 -16.33 16.13 19.68
CA ASP A 159 -15.05 15.41 19.70
C ASP A 159 -14.11 15.94 18.63
N VAL A 160 -12.83 15.97 18.97
CA VAL A 160 -11.75 16.19 18.02
C VAL A 160 -10.81 15.00 18.11
N TYR A 161 -10.08 14.75 17.02
CA TYR A 161 -9.21 13.59 16.94
C TYR A 161 -7.82 13.99 16.46
N ASP A 162 -6.84 13.17 16.81
CA ASP A 162 -5.47 13.34 16.37
C ASP A 162 -4.83 11.97 16.20
N CYS A 163 -4.05 11.81 15.14
CA CYS A 163 -3.18 10.66 14.97
C CYS A 163 -1.78 11.07 15.35
N ARG A 164 -1.22 10.44 16.38
CA ARG A 164 0.10 10.76 16.87
C ARG A 164 1.09 9.69 16.40
N VAL A 165 2.10 10.12 15.66
CA VAL A 165 3.08 9.22 15.04
C VAL A 165 4.46 9.60 15.56
N GLU A 166 5.16 8.64 16.13
CA GLU A 166 6.55 8.82 16.56
C GLU A 166 7.45 7.93 15.73
N HIS A 167 8.55 8.51 15.24
CA HIS A 167 9.51 7.80 14.41
C HIS A 167 10.89 8.35 14.73
N TRP A 168 11.90 7.48 14.70
CA TRP A 168 13.24 7.92 15.06
C TRP A 168 13.76 9.01 14.13
N GLY A 169 13.17 9.17 12.95
CA GLY A 169 13.50 10.29 12.08
C GLY A 169 12.83 11.59 12.44
N LEU A 170 11.94 11.59 13.42
CA LEU A 170 11.23 12.78 13.88
C LEU A 170 11.81 13.25 15.21
N ASP A 171 11.99 14.57 15.32
CA ASP A 171 12.39 15.14 16.60
C ASP A 171 11.25 15.07 17.61
N GLU A 172 10.15 15.76 17.32
CA GLU A 172 8.96 15.70 18.14
C GLU A 172 7.96 14.74 17.54
N PRO A 173 7.07 14.17 18.36
CA PRO A 173 5.98 13.36 17.82
C PRO A 173 5.14 14.16 16.84
N LEU A 174 4.71 13.50 15.77
CA LEU A 174 3.93 14.14 14.71
C LEU A 174 2.45 13.92 14.99
N LEU A 175 1.70 15.02 15.11
CA LEU A 175 0.26 14.97 15.38
C LEU A 175 -0.48 15.54 14.18
N LYS A 176 -1.38 14.74 13.62
CA LYS A 176 -2.24 15.16 12.53
C LYS A 176 -3.68 15.19 13.02
N HIS A 177 -4.35 16.32 12.80
CA HIS A 177 -5.62 16.64 13.45
C HIS A 177 -6.79 16.36 12.53
N TRP A 178 -7.97 16.20 13.15
CA TRP A 178 -9.23 16.10 12.42
C TRP A 178 -10.37 16.53 13.33
N GLU A 179 -11.29 17.30 12.77
CA GLU A 179 -12.50 17.70 13.48
C GLU A 179 -13.61 17.91 12.46
N PHE A 180 -14.85 17.79 12.93
CA PHE A 180 -16.02 17.90 12.06
C PHE A 180 -16.15 19.29 11.45
N ASP B 4 15.72 5.21 22.10
CA ASP B 4 16.68 4.25 21.56
C ASP B 4 17.38 4.85 20.34
N THR B 5 18.68 5.11 20.48
CA THR B 5 19.49 5.67 19.41
C THR B 5 20.43 4.64 18.78
N ARG B 6 20.23 3.36 19.07
CA ARG B 6 21.10 2.35 18.49
C ARG B 6 20.91 2.28 16.98
N PRO B 7 21.98 2.03 16.22
CA PRO B 7 21.85 1.99 14.77
C PRO B 7 21.06 0.77 14.30
N ARG B 8 20.29 0.96 13.23
CA ARG B 8 19.47 -0.09 12.66
C ARG B 8 20.08 -0.59 11.36
N PHE B 9 19.83 -1.86 11.06
CA PHE B 9 20.29 -2.49 9.83
C PHE B 9 19.14 -3.29 9.24
N LEU B 10 18.86 -3.07 7.96
CA LEU B 10 17.65 -3.58 7.33
C LEU B 10 18.00 -4.39 6.08
N GLU B 11 17.41 -5.56 5.97
CA GLU B 11 17.52 -6.41 4.78
C GLU B 11 16.13 -6.59 4.18
N GLN B 12 16.00 -6.35 2.88
CA GLN B 12 14.74 -6.52 2.16
C GLN B 12 14.93 -7.46 0.98
N VAL B 13 13.92 -8.27 0.71
CA VAL B 13 13.86 -9.09 -0.49
C VAL B 13 12.49 -8.89 -1.12
N LYS B 14 12.46 -8.74 -2.44
CA LYS B 14 11.23 -8.58 -3.19
C LYS B 14 11.25 -9.50 -4.41
N HIS B 15 10.31 -10.44 -4.44
CA HIS B 15 10.13 -11.34 -5.59
C HIS B 15 8.95 -10.82 -6.38
N GLU B 16 9.22 -10.30 -7.59
CA GLU B 16 8.24 -9.57 -8.36
C GLU B 16 7.81 -10.35 -9.60
N CYS B 17 6.51 -10.34 -9.86
CA CYS B 17 5.92 -10.95 -11.05
C CYS B 17 5.15 -9.89 -11.81
N HIS B 18 5.57 -9.61 -13.04
CA HIS B 18 4.94 -8.60 -13.87
C HIS B 18 4.19 -9.29 -15.00
N PHE B 19 2.89 -9.01 -15.11
CA PHE B 19 2.01 -9.67 -16.07
C PHE B 19 1.54 -8.66 -17.10
N PHE B 20 1.56 -9.06 -18.38
CA PHE B 20 1.09 -8.26 -19.49
C PHE B 20 0.13 -9.09 -20.33
N ASN B 21 -1.04 -8.55 -20.60
CA ASN B 21 -2.09 -9.25 -21.35
C ASN B 21 -2.38 -10.61 -20.71
N GLY B 22 -2.78 -10.55 -19.45
CA GLY B 22 -3.00 -11.77 -18.69
C GLY B 22 -1.67 -12.42 -18.37
N THR B 23 -1.59 -13.74 -18.57
CA THR B 23 -0.35 -14.49 -18.39
C THR B 23 0.37 -14.76 -19.70
N GLU B 24 0.07 -13.98 -20.75
CA GLU B 24 0.77 -14.13 -22.02
C GLU B 24 2.25 -13.80 -21.86
N ARG B 25 2.56 -12.55 -21.52
CA ARG B 25 3.91 -12.11 -21.24
C ARG B 25 4.07 -11.95 -19.74
N VAL B 26 5.08 -12.61 -19.17
CA VAL B 26 5.34 -12.56 -17.75
C VAL B 26 6.84 -12.34 -17.54
N ARG B 27 7.18 -11.49 -16.56
CA ARG B 27 8.56 -11.27 -16.22
C ARG B 27 8.75 -11.33 -14.70
N PHE B 28 9.80 -12.02 -14.28
CA PHE B 28 10.07 -12.28 -12.87
C PHE B 28 11.36 -11.59 -12.46
N LEU B 29 11.33 -10.90 -11.32
CA LEU B 29 12.49 -10.23 -10.75
C LEU B 29 12.70 -10.71 -9.33
N ASP B 30 13.90 -11.20 -9.04
CA ASP B 30 14.32 -11.58 -7.68
C ASP B 30 15.28 -10.51 -7.21
N ARG B 31 14.85 -9.70 -6.24
CA ARG B 31 15.57 -8.50 -5.86
C ARG B 31 15.91 -8.51 -4.38
N TYR B 32 17.15 -8.13 -4.07
CA TYR B 32 17.66 -8.10 -2.71
C TYR B 32 18.13 -6.69 -2.37
N PHE B 33 17.85 -6.25 -1.14
CA PHE B 33 18.10 -4.88 -0.74
C PHE B 33 18.81 -4.83 0.61
N TYR B 34 19.74 -3.90 0.74
CA TYR B 34 20.34 -3.54 2.02
C TYR B 34 19.91 -2.12 2.34
N HIS B 35 19.18 -1.96 3.45
CA HIS B 35 18.45 -0.73 3.73
C HIS B 35 17.48 -0.45 2.59
N GLN B 36 17.81 0.52 1.74
CA GLN B 36 16.97 0.86 0.59
C GLN B 36 17.68 0.67 -0.74
N GLU B 37 18.91 0.14 -0.72
CA GLU B 37 19.74 0.02 -1.91
C GLU B 37 19.68 -1.42 -2.42
N GLU B 38 19.18 -1.57 -3.66
CA GLU B 38 19.23 -2.85 -4.33
C GLU B 38 20.67 -3.16 -4.74
N TYR B 39 21.16 -4.34 -4.36
CA TYR B 39 22.54 -4.70 -4.65
C TYR B 39 22.71 -5.90 -5.57
N VAL B 40 21.70 -6.74 -5.74
CA VAL B 40 21.77 -7.85 -6.68
C VAL B 40 20.34 -8.22 -7.08
N ARG B 41 20.18 -8.67 -8.32
CA ARG B 41 18.85 -9.02 -8.81
C ARG B 41 18.93 -10.09 -9.88
N PHE B 42 17.89 -10.91 -9.95
CA PHE B 42 17.68 -11.85 -11.03
C PHE B 42 16.57 -11.30 -11.93
N ASP B 43 16.88 -11.06 -13.18
CA ASP B 43 15.91 -10.63 -14.17
C ASP B 43 15.65 -11.80 -15.12
N SER B 44 14.39 -12.21 -15.22
CA SER B 44 14.05 -13.33 -16.11
C SER B 44 14.35 -13.00 -17.57
N ASP B 45 14.49 -11.73 -17.91
CA ASP B 45 14.91 -11.35 -19.26
C ASP B 45 16.37 -11.69 -19.53
N VAL B 46 17.19 -11.73 -18.49
CA VAL B 46 18.61 -12.03 -18.62
C VAL B 46 18.90 -13.50 -18.35
N GLY B 47 18.27 -14.09 -17.34
CA GLY B 47 18.45 -15.49 -17.03
C GLY B 47 19.48 -15.79 -15.97
N GLU B 48 20.12 -14.78 -15.39
CA GLU B 48 21.07 -14.99 -14.30
C GLU B 48 21.15 -13.72 -13.48
N TYR B 49 21.80 -13.84 -12.32
CA TYR B 49 21.90 -12.73 -11.38
C TYR B 49 22.91 -11.70 -11.85
N ARG B 50 22.59 -10.43 -11.59
CA ARG B 50 23.46 -9.31 -11.91
C ARG B 50 23.61 -8.43 -10.69
N ALA B 51 24.84 -8.02 -10.39
CA ALA B 51 25.09 -7.09 -9.30
C ALA B 51 24.61 -5.70 -9.70
N VAL B 52 23.76 -5.11 -8.84
CA VAL B 52 23.31 -3.75 -9.09
C VAL B 52 24.30 -2.72 -8.51
N THR B 53 24.92 -3.03 -7.38
CA THR B 53 26.01 -2.24 -6.83
C THR B 53 27.18 -3.17 -6.52
N GLU B 54 28.31 -2.57 -6.14
CA GLU B 54 29.48 -3.36 -5.78
C GLU B 54 29.21 -4.27 -4.59
N LEU B 55 28.27 -3.87 -3.73
CA LEU B 55 27.96 -4.66 -2.55
C LEU B 55 27.38 -6.03 -2.90
N GLY B 56 26.84 -6.20 -4.10
CA GLY B 56 26.21 -7.44 -4.50
C GLY B 56 27.02 -8.33 -5.43
N ARG B 57 28.25 -7.92 -5.79
CA ARG B 57 29.06 -8.76 -6.67
C ARG B 57 29.36 -10.15 -6.11
N PRO B 58 29.69 -10.32 -4.82
CA PRO B 58 29.89 -11.69 -4.31
C PRO B 58 28.69 -12.58 -4.45
N ASP B 59 27.48 -12.03 -4.31
CA ASP B 59 26.28 -12.86 -4.44
C ASP B 59 26.02 -13.23 -5.90
N ALA B 60 26.28 -12.30 -6.83
CA ALA B 60 26.06 -12.59 -8.24
C ALA B 60 26.97 -13.72 -8.71
N GLU B 61 28.26 -13.64 -8.41
CA GLU B 61 29.20 -14.68 -8.82
C GLU B 61 28.88 -16.01 -8.14
N TYR B 62 28.58 -15.98 -6.84
CA TYR B 62 28.32 -17.21 -6.10
C TYR B 62 27.03 -17.87 -6.58
N TRP B 63 25.96 -17.09 -6.70
CA TRP B 63 24.68 -17.67 -7.10
C TRP B 63 24.68 -18.13 -8.55
N ASN B 64 25.39 -17.43 -9.43
CA ASN B 64 25.45 -17.84 -10.83
C ASN B 64 26.25 -19.12 -11.02
N SER B 65 27.04 -19.53 -10.04
CA SER B 65 27.78 -20.78 -10.13
C SER B 65 26.92 -21.99 -9.80
N GLN B 66 25.71 -21.79 -9.26
CA GLN B 66 24.81 -22.87 -8.89
C GLN B 66 23.79 -23.02 -10.01
N LYS B 67 24.08 -23.94 -10.94
CA LYS B 67 23.21 -24.13 -12.10
C LYS B 67 21.80 -24.54 -11.68
N ASP B 68 21.69 -25.34 -10.61
CA ASP B 68 20.38 -25.78 -10.15
C ASP B 68 19.54 -24.59 -9.67
N LEU B 69 20.15 -23.68 -8.91
CA LEU B 69 19.42 -22.49 -8.47
C LEU B 69 18.98 -21.64 -9.66
N LEU B 70 19.85 -21.48 -10.66
CA LEU B 70 19.55 -20.62 -11.80
C LEU B 70 18.34 -21.14 -12.57
N GLU B 71 18.30 -22.44 -12.85
CA GLU B 71 17.16 -22.99 -13.58
C GLU B 71 15.89 -22.98 -12.74
N GLN B 72 16.03 -23.03 -11.42
CA GLN B 72 14.87 -22.81 -10.56
C GLN B 72 14.32 -21.40 -10.74
N LYS B 73 15.21 -20.41 -10.89
CA LYS B 73 14.78 -19.04 -11.12
C LYS B 73 14.27 -18.84 -12.54
N ARG B 74 14.87 -19.53 -13.52
CA ARG B 74 14.45 -19.38 -14.91
C ARG B 74 13.07 -19.97 -15.16
N ALA B 75 12.62 -20.89 -14.32
CA ALA B 75 11.28 -21.46 -14.43
C ALA B 75 10.27 -20.75 -13.55
N ALA B 76 10.68 -19.70 -12.83
CA ALA B 76 9.79 -19.04 -11.88
C ALA B 76 8.60 -18.38 -12.56
N VAL B 77 8.75 -17.94 -13.82
CA VAL B 77 7.63 -17.35 -14.53
C VAL B 77 6.50 -18.36 -14.69
N ASP B 78 6.83 -19.66 -14.70
CA ASP B 78 5.82 -20.72 -14.79
C ASP B 78 5.44 -21.25 -13.41
N THR B 79 6.42 -21.71 -12.64
CA THR B 79 6.15 -22.40 -11.39
C THR B 79 5.69 -21.45 -10.28
N TYR B 80 5.94 -20.15 -10.42
CA TYR B 80 5.70 -19.20 -9.34
C TYR B 80 4.78 -18.06 -9.78
N CYS B 81 5.15 -17.31 -10.82
CA CYS B 81 4.35 -16.17 -11.24
C CYS B 81 3.00 -16.59 -11.79
N ARG B 82 3.00 -17.45 -12.82
CA ARG B 82 1.75 -17.86 -13.44
C ARG B 82 0.89 -18.67 -12.48
N HIS B 83 1.52 -19.46 -11.60
CA HIS B 83 0.77 -20.24 -10.63
C HIS B 83 0.01 -19.33 -9.67
N ASN B 84 0.73 -18.43 -9.00
CA ASN B 84 0.11 -17.55 -8.02
C ASN B 84 -0.90 -16.60 -8.66
N TYR B 85 -0.70 -16.24 -9.93
CA TYR B 85 -1.69 -15.47 -10.66
C TYR B 85 -3.02 -16.22 -10.71
N GLY B 86 -2.97 -17.51 -11.05
CA GLY B 86 -4.19 -18.28 -11.14
C GLY B 86 -4.82 -18.58 -9.79
N VAL B 87 -4.01 -18.59 -8.73
CA VAL B 87 -4.53 -18.89 -7.40
C VAL B 87 -5.51 -17.81 -6.95
N GLY B 88 -5.13 -16.55 -7.13
CA GLY B 88 -5.94 -15.43 -6.67
C GLY B 88 -6.61 -14.60 -7.74
N GLU B 89 -6.67 -15.08 -9.00
CA GLU B 89 -7.23 -14.28 -10.08
C GLU B 89 -8.68 -13.89 -9.82
N SER B 90 -9.46 -14.74 -9.14
CA SER B 90 -10.89 -14.50 -9.00
C SER B 90 -11.18 -13.32 -8.09
N PHE B 91 -10.37 -13.10 -7.06
CA PHE B 91 -10.63 -12.02 -6.10
C PHE B 91 -9.60 -10.89 -6.19
N THR B 92 -8.72 -10.91 -7.19
CA THR B 92 -7.76 -9.83 -7.40
C THR B 92 -7.92 -9.23 -8.79
N VAL B 93 -7.61 -9.99 -9.84
CA VAL B 93 -7.68 -9.45 -11.20
C VAL B 93 -9.12 -9.08 -11.55
N GLN B 94 -10.07 -9.91 -11.14
CA GLN B 94 -11.47 -9.73 -11.51
C GLN B 94 -12.30 -9.06 -10.42
N ARG B 95 -11.66 -8.50 -9.40
CA ARG B 95 -12.38 -7.79 -8.35
C ARG B 95 -12.90 -6.47 -8.89
N ARG B 96 -14.22 -6.27 -8.82
CA ARG B 96 -14.85 -5.06 -9.31
C ARG B 96 -15.82 -4.56 -8.26
N VAL B 97 -15.61 -3.33 -7.78
CA VAL B 97 -16.44 -2.70 -6.77
C VAL B 97 -16.85 -1.33 -7.30
N TYR B 98 -18.19 -1.06 -7.34
N TYR B 98 -18.16 -1.08 -7.38
CA TYR B 98 -18.48 0.24 -7.93
CA TYR B 98 -18.63 0.22 -7.83
C TYR B 98 -18.54 1.32 -6.86
C TYR B 98 -18.25 1.30 -6.81
N PRO B 99 -18.19 2.55 -7.23
CA PRO B 99 -18.10 3.64 -6.26
C PRO B 99 -19.45 4.20 -5.87
N GLU B 100 -19.50 4.72 -4.64
CA GLU B 100 -20.59 5.59 -4.20
C GLU B 100 -20.18 7.03 -4.47
N VAL B 101 -21.09 7.80 -5.07
CA VAL B 101 -20.80 9.16 -5.51
C VAL B 101 -21.67 10.12 -4.72
N THR B 102 -21.04 10.98 -3.92
CA THR B 102 -21.72 12.02 -3.17
C THR B 102 -21.28 13.38 -3.70
N VAL B 103 -22.21 14.33 -3.67
CA VAL B 103 -21.93 15.72 -4.06
C VAL B 103 -22.42 16.63 -2.96
N TYR B 104 -21.56 17.54 -2.50
CA TYR B 104 -21.90 18.48 -1.44
C TYR B 104 -21.06 19.73 -1.62
N PRO B 105 -21.58 20.89 -1.19
CA PRO B 105 -20.82 22.15 -1.35
C PRO B 105 -19.87 22.39 -0.19
N ALA B 106 -18.90 23.26 -0.45
CA ALA B 106 -17.92 23.68 0.55
C ALA B 106 -17.53 25.11 0.28
N LYS B 107 -16.66 25.65 1.14
CA LYS B 107 -16.18 27.02 1.02
C LYS B 107 -14.67 27.03 0.83
N THR B 108 -14.20 27.93 -0.03
CA THR B 108 -12.77 28.18 -0.14
C THR B 108 -12.29 29.11 0.97
N GLN B 109 -13.17 29.99 1.46
CA GLN B 109 -12.90 30.87 2.57
C GLN B 109 -13.94 30.65 3.65
N PRO B 110 -13.53 30.46 4.93
CA PRO B 110 -14.48 30.03 5.96
C PRO B 110 -15.65 30.96 6.21
N LEU B 111 -15.62 32.21 5.70
CA LEU B 111 -16.72 33.13 5.91
C LEU B 111 -17.43 33.55 4.63
N GLN B 112 -16.92 33.16 3.46
CA GLN B 112 -17.59 33.52 2.20
C GLN B 112 -18.79 32.60 1.95
N HIS B 113 -19.27 32.58 0.72
CA HIS B 113 -20.37 31.70 0.35
C HIS B 113 -19.85 30.39 -0.20
N HIS B 114 -20.76 29.43 -0.38
CA HIS B 114 -20.41 28.14 -0.97
C HIS B 114 -19.93 28.33 -2.40
N ASN B 115 -18.63 28.22 -2.63
CA ASN B 115 -18.04 28.38 -3.96
C ASN B 115 -17.23 27.15 -4.37
N LEU B 116 -17.59 25.99 -3.83
CA LEU B 116 -16.81 24.77 -4.05
C LEU B 116 -17.76 23.58 -4.04
N LEU B 117 -17.82 22.87 -5.16
CA LEU B 117 -18.64 21.66 -5.27
C LEU B 117 -17.73 20.44 -5.20
N VAL B 118 -17.93 19.62 -4.17
CA VAL B 118 -17.12 18.44 -3.94
C VAL B 118 -17.87 17.22 -4.49
N CYS B 119 -17.20 16.44 -5.32
CA CYS B 119 -17.72 15.15 -5.78
C CYS B 119 -16.90 14.06 -5.09
N SER B 120 -17.47 13.48 -4.04
CA SER B 120 -16.81 12.41 -3.29
C SER B 120 -17.12 11.08 -3.95
N VAL B 121 -16.07 10.37 -4.37
CA VAL B 121 -16.19 9.08 -5.05
C VAL B 121 -15.48 8.06 -4.17
N ASN B 122 -16.24 7.19 -3.52
CA ASN B 122 -15.74 6.39 -2.40
C ASN B 122 -15.93 4.90 -2.65
N GLY B 123 -14.92 4.13 -2.24
CA GLY B 123 -15.04 2.69 -2.12
C GLY B 123 -14.95 1.87 -3.39
N PHE B 124 -14.29 2.37 -4.43
CA PHE B 124 -14.23 1.66 -5.69
C PHE B 124 -12.92 0.88 -5.84
N TYR B 125 -12.98 -0.13 -6.69
CA TYR B 125 -11.80 -0.92 -7.08
C TYR B 125 -12.03 -1.46 -8.48
N PRO B 126 -11.00 -1.40 -9.35
CA PRO B 126 -9.65 -0.90 -9.08
C PRO B 126 -9.52 0.62 -9.16
N GLY B 127 -8.28 1.11 -9.20
CA GLY B 127 -8.04 2.53 -9.01
C GLY B 127 -8.35 3.38 -10.23
N SER B 128 -8.27 2.78 -11.42
CA SER B 128 -8.50 3.54 -12.64
C SER B 128 -9.90 4.12 -12.65
N ILE B 129 -9.99 5.45 -12.71
CA ILE B 129 -11.28 6.13 -12.66
C ILE B 129 -11.15 7.49 -13.34
N GLU B 130 -12.25 7.95 -13.92
CA GLU B 130 -12.32 9.24 -14.58
C GLU B 130 -13.54 10.00 -14.06
N VAL B 131 -13.31 11.18 -13.51
CA VAL B 131 -14.36 12.02 -12.93
C VAL B 131 -14.40 13.33 -13.70
N ARG B 132 -15.60 13.75 -14.10
CA ARG B 132 -15.78 14.96 -14.88
C ARG B 132 -16.92 15.78 -14.31
N TRP B 133 -16.77 17.11 -14.40
CA TRP B 133 -17.78 18.05 -13.93
C TRP B 133 -18.50 18.68 -15.12
N PHE B 134 -19.81 18.86 -14.98
CA PHE B 134 -20.61 19.49 -16.01
C PHE B 134 -21.51 20.55 -15.38
N ARG B 135 -21.77 21.60 -16.16
CA ARG B 135 -22.71 22.66 -15.78
C ARG B 135 -23.70 22.82 -16.93
N ASN B 136 -24.96 22.47 -16.67
CA ASN B 136 -26.02 22.55 -17.69
C ASN B 136 -25.63 21.77 -18.94
N GLY B 137 -25.14 20.55 -18.74
CA GLY B 137 -24.76 19.69 -19.84
C GLY B 137 -23.47 20.05 -20.55
N GLN B 138 -22.74 21.07 -20.08
CA GLN B 138 -21.48 21.47 -20.68
C GLN B 138 -20.35 21.11 -19.72
N GLU B 139 -19.30 20.50 -20.24
CA GLU B 139 -18.20 20.04 -19.40
C GLU B 139 -17.38 21.22 -18.90
N GLU B 140 -17.21 21.31 -17.59
CA GLU B 140 -16.41 22.35 -16.96
C GLU B 140 -15.01 21.79 -16.68
N LYS B 141 -14.02 22.27 -17.42
CA LYS B 141 -12.64 21.82 -17.28
C LYS B 141 -11.76 22.83 -16.56
N THR B 142 -12.30 24.00 -16.22
CA THR B 142 -11.55 25.01 -15.50
C THR B 142 -11.99 25.05 -14.04
N GLY B 143 -11.03 25.24 -13.14
CA GLY B 143 -11.33 25.31 -11.73
C GLY B 143 -11.47 23.97 -11.04
N VAL B 144 -10.88 22.92 -11.59
CA VAL B 144 -11.01 21.57 -11.07
C VAL B 144 -9.76 21.21 -10.29
N VAL B 145 -9.94 20.91 -8.99
CA VAL B 145 -8.87 20.45 -8.12
C VAL B 145 -9.29 19.11 -7.54
N SER B 146 -8.31 18.24 -7.30
CA SER B 146 -8.60 16.91 -6.78
C SER B 146 -7.56 16.50 -5.75
N THR B 147 -7.95 15.55 -4.90
CA THR B 147 -7.00 14.92 -4.00
C THR B 147 -6.11 13.92 -4.73
N GLY B 148 -6.47 13.56 -5.95
CA GLY B 148 -5.84 12.44 -6.62
C GLY B 148 -6.44 11.14 -6.15
N LEU B 149 -5.83 10.04 -6.59
CA LEU B 149 -6.28 8.72 -6.18
C LEU B 149 -5.74 8.42 -4.78
N ILE B 150 -6.64 8.11 -3.85
CA ILE B 150 -6.29 7.81 -2.47
C ILE B 150 -6.58 6.34 -2.21
N GLN B 151 -5.59 5.63 -1.68
CA GLN B 151 -5.73 4.22 -1.35
C GLN B 151 -6.10 4.10 0.12
N ASN B 152 -7.25 3.45 0.39
CA ASN B 152 -7.71 3.28 1.76
C ASN B 152 -6.99 2.15 2.49
N GLY B 153 -6.22 1.33 1.78
CA GLY B 153 -5.53 0.21 2.40
C GLY B 153 -6.36 -1.03 2.62
N ASP B 154 -7.64 -1.02 2.24
CA ASP B 154 -8.54 -2.14 2.43
C ASP B 154 -9.16 -2.61 1.11
N TRP B 155 -8.37 -2.53 0.03
CA TRP B 155 -8.81 -2.93 -1.31
C TRP B 155 -9.96 -2.05 -1.83
N THR B 156 -10.02 -0.81 -1.36
CA THR B 156 -10.91 0.20 -1.91
C THR B 156 -10.15 1.50 -2.08
N PHE B 157 -10.55 2.28 -3.08
CA PHE B 157 -9.99 3.60 -3.32
C PHE B 157 -11.05 4.67 -3.05
N GLN B 158 -10.60 5.92 -3.02
CA GLN B 158 -11.50 7.06 -2.98
C GLN B 158 -10.79 8.26 -3.60
N THR B 159 -11.57 9.27 -3.94
CA THR B 159 -11.03 10.48 -4.51
C THR B 159 -12.07 11.60 -4.40
N LEU B 160 -11.60 12.81 -4.16
CA LEU B 160 -12.44 14.00 -4.17
C LEU B 160 -12.06 14.85 -5.37
N VAL B 161 -13.06 15.21 -6.17
CA VAL B 161 -12.88 16.09 -7.32
C VAL B 161 -13.74 17.33 -7.09
N MET B 162 -13.07 18.47 -6.92
CA MET B 162 -13.74 19.71 -6.52
C MET B 162 -13.77 20.71 -7.67
N LEU B 163 -14.90 21.37 -7.85
CA LEU B 163 -15.07 22.38 -8.88
C LEU B 163 -15.27 23.74 -8.23
N GLU B 164 -14.37 24.68 -8.52
CA GLU B 164 -14.52 26.04 -8.03
C GLU B 164 -15.49 26.78 -8.92
N THR B 165 -16.62 27.21 -8.36
CA THR B 165 -17.65 27.88 -9.14
C THR B 165 -18.52 28.71 -8.22
N VAL B 166 -19.16 29.72 -8.80
CA VAL B 166 -20.16 30.53 -8.09
C VAL B 166 -21.54 30.10 -8.57
N PRO B 167 -22.25 29.29 -7.78
CA PRO B 167 -23.55 28.78 -8.23
C PRO B 167 -24.58 29.89 -8.36
N ARG B 168 -25.25 29.92 -9.50
CA ARG B 168 -26.38 30.80 -9.73
C ARG B 168 -27.67 29.99 -9.67
N SER B 169 -28.74 30.63 -9.24
CA SER B 169 -30.02 29.95 -9.09
C SER B 169 -30.49 29.37 -10.43
N GLY B 170 -30.98 28.14 -10.38
CA GLY B 170 -31.43 27.44 -11.57
C GLY B 170 -30.39 26.59 -12.25
N GLU B 171 -29.11 26.77 -11.92
CA GLU B 171 -28.06 25.97 -12.53
C GLU B 171 -28.08 24.54 -11.98
N VAL B 172 -27.83 23.58 -12.86
CA VAL B 172 -27.71 22.17 -12.49
C VAL B 172 -26.30 21.72 -12.80
N TYR B 173 -25.63 21.16 -11.79
CA TYR B 173 -24.29 20.59 -11.94
C TYR B 173 -24.38 19.08 -11.81
N THR B 174 -23.63 18.38 -12.66
CA THR B 174 -23.59 16.92 -12.59
C THR B 174 -22.14 16.45 -12.58
N CYS B 175 -21.82 15.58 -11.64
CA CYS B 175 -20.53 14.91 -11.56
C CYS B 175 -20.67 13.54 -12.21
N GLN B 176 -19.84 13.28 -13.22
CA GLN B 176 -19.93 12.06 -14.02
C GLN B 176 -18.69 11.20 -13.77
N VAL B 177 -18.91 9.93 -13.46
CA VAL B 177 -17.86 8.99 -13.07
C VAL B 177 -17.82 7.84 -14.05
N GLU B 178 -16.63 7.51 -14.53
CA GLU B 178 -16.40 6.34 -15.36
C GLU B 178 -15.39 5.43 -14.67
N HIS B 179 -15.69 4.12 -14.66
CA HIS B 179 -14.91 3.16 -13.89
C HIS B 179 -15.13 1.78 -14.50
N PRO B 180 -14.12 0.91 -14.53
CA PRO B 180 -14.29 -0.40 -15.18
C PRO B 180 -15.41 -1.25 -14.60
N SER B 181 -15.88 -0.96 -13.38
CA SER B 181 -17.00 -1.69 -12.81
C SER B 181 -18.34 -1.21 -13.34
N LEU B 182 -18.37 -0.13 -14.12
CA LEU B 182 -19.58 0.43 -14.69
C LEU B 182 -19.60 0.20 -16.19
N THR B 183 -20.80 0.00 -16.74
CA THR B 183 -21.00 -0.14 -18.17
C THR B 183 -21.44 1.16 -18.83
N SER B 184 -21.86 2.15 -18.06
CA SER B 184 -22.22 3.47 -18.55
C SER B 184 -21.91 4.47 -17.44
N PRO B 185 -21.67 5.73 -17.78
CA PRO B 185 -21.23 6.70 -16.76
C PRO B 185 -22.24 6.83 -15.63
N LEU B 186 -21.71 7.01 -14.41
CA LEU B 186 -22.51 7.24 -13.21
C LEU B 186 -22.53 8.74 -12.96
N THR B 187 -23.73 9.33 -12.93
CA THR B 187 -23.90 10.77 -12.79
C THR B 187 -24.73 11.08 -11.55
N VAL B 188 -24.33 12.14 -10.85
CA VAL B 188 -25.06 12.67 -9.71
C VAL B 188 -25.24 14.17 -9.91
N GLU B 189 -26.45 14.67 -9.73
CA GLU B 189 -26.75 16.07 -9.96
C GLU B 189 -26.82 16.85 -8.65
N TRP B 190 -26.65 18.16 -8.77
CA TRP B 190 -26.73 19.07 -7.64
C TRP B 190 -27.32 20.39 -8.12
N ARG B 191 -28.38 20.84 -7.46
CA ARG B 191 -29.11 22.04 -7.88
C ARG B 191 -28.96 23.14 -6.84
N ALA B 192 -28.88 24.38 -7.33
CA ALA B 192 -28.80 25.54 -6.46
C ALA B 192 -30.16 26.21 -6.31
N GLY C 1 -6.27 -24.08 -4.54
CA GLY C 1 -5.41 -22.96 -4.82
C GLY C 1 -4.53 -22.57 -3.64
N GLY C 2 -3.26 -22.93 -3.74
CA GLY C 2 -2.29 -22.64 -2.70
C GLY C 2 -1.18 -21.75 -3.26
N TYR C 3 -0.96 -20.63 -2.58
CA TYR C 3 0.11 -19.72 -2.95
C TYR C 3 1.47 -20.38 -2.72
N ARG C 4 2.42 -20.04 -3.57
CA ARG C 4 3.77 -20.55 -3.50
C ARG C 4 4.74 -19.43 -3.18
N ALA C 5 5.67 -19.71 -2.27
CA ALA C 5 6.68 -18.73 -1.88
C ALA C 5 8.01 -19.05 -2.59
C CIR C 6 10.84 -17.95 -2.93
O CIR C 6 10.62 -17.56 -1.76
CA CIR C 6 9.72 -18.04 -3.89
N CIR C 6 8.47 -17.95 -3.19
C3 CIR C 6 9.81 -16.89 -4.86
C4 CIR C 6 11.15 -16.93 -5.56
C5 CIR C 6 10.95 -17.44 -6.97
N6 CIR C 6 10.51 -18.82 -6.93
C7 CIR C 6 11.47 -19.88 -7.11
O7 CIR C 6 12.64 -19.62 -7.29
N8 CIR C 6 11.04 -21.25 -7.07
N PRO C 7 11.68 -18.98 -2.78
CA PRO C 7 12.58 -19.12 -1.63
C PRO C 7 13.73 -18.11 -1.67
N ALA C 8 14.14 -17.62 -0.50
CA ALA C 8 15.32 -16.79 -0.42
C ALA C 8 16.57 -17.66 -0.56
N LYS C 9 17.66 -17.02 -0.98
CA LYS C 9 18.93 -17.72 -1.18
C LYS C 9 19.99 -17.16 -0.26
N ALA C 10 20.75 -18.06 0.37
CA ALA C 10 21.78 -17.65 1.31
C ALA C 10 22.92 -16.95 0.58
N ALA C 11 23.32 -15.80 1.10
CA ALA C 11 24.35 -14.99 0.46
C ALA C 11 25.72 -15.64 0.60
N ALA C 12 26.68 -15.12 -0.15
CA ALA C 12 28.06 -15.59 -0.04
C ALA C 12 28.70 -15.04 1.23
N THR C 13 29.49 -15.88 1.89
CA THR C 13 30.13 -15.50 3.15
C THR C 13 31.61 -15.20 2.95
C1 NAG D . 34.68 -1.62 3.45
C2 NAG D . 34.45 -1.17 2.00
C3 NAG D . 35.38 -1.93 1.06
C4 NAG D . 36.82 -1.80 1.51
C5 NAG D . 36.96 -2.23 2.97
C6 NAG D . 38.36 -2.01 3.51
C7 NAG D . 32.13 -0.39 1.80
C8 NAG D . 30.75 -0.74 1.33
N2 NAG D . 33.06 -1.34 1.62
O3 NAG D . 35.22 -1.43 -0.25
O4 NAG D . 37.66 -2.60 0.70
O5 NAG D . 36.07 -1.47 3.79
O6 NAG D . 38.78 -0.66 3.34
O7 NAG D . 32.40 0.69 2.32
C1 NAG E . 8.12 3.39 21.01
C2 NAG E . 9.53 3.80 20.62
C3 NAG E . 10.55 2.96 21.38
C4 NAG E . 10.29 3.04 22.89
C5 NAG E . 8.83 2.67 23.19
C6 NAG E . 8.47 2.86 24.64
C7 NAG E . 9.73 4.71 18.35
C8 NAG E . 9.97 4.41 16.90
N2 NAG E . 9.74 3.67 19.19
O3 NAG E . 11.86 3.43 21.10
O4 NAG E . 11.15 2.16 23.59
O5 NAG E . 7.95 3.52 22.42
O6 NAG E . 7.08 2.66 24.85
O7 NAG E . 9.54 5.86 18.74
#